data_6C1U
#
_entry.id   6C1U
#
_cell.length_a   36.912
_cell.length_b   40.015
_cell.length_c   105.890
_cell.angle_alpha   84.480
_cell.angle_beta   85.910
_cell.angle_gamma   62.770
#
_symmetry.space_group_name_H-M   'P 1'
#
loop_
_entity.id
_entity.type
_entity.pdbx_description
1 polymer 'Methyl-CpG-binding domain protein 2'
2 polymer '12-mer DNA'
3 polymer '12-mer DNA'
4 non-polymer 'UNKNOWN ATOM OR ION'
5 water water
#
loop_
_entity_poly.entity_id
_entity_poly.type
_entity_poly.pdbx_seq_one_letter_code
_entity_poly.pdbx_strand_id
1 'polypeptide(L)' GATESGKRMDCPALPPGWKKEEVIRKSGLSAGKSDVYYFSPSGKKFRSKPQLARYLGNTVDLSSFDFRTGKMMPSKLQK A,B,E,F
2 'polydeoxyribonucleotide' (DC)(DG)(DG)(DA)(DG)(DT)(DG)(DT)(DG)(DG)(DG)(DC) C,G
3 'polydeoxyribonucleotide' (DG)(DC)(DC)(DC)(DA)(5CM)(DA)(DC)(DT)(DC)(DC)(DG) D,H
#
# COMPACT_ATOMS: atom_id res chain seq x y z
CA GLY A 6 11.94 -7.83 -26.20
C GLY A 6 10.81 -8.76 -25.75
N LYS A 7 11.04 -10.09 -25.83
CA LYS A 7 9.99 -11.13 -25.60
C LYS A 7 9.63 -11.19 -24.12
N ARG A 8 8.35 -11.00 -23.78
CA ARG A 8 7.91 -11.10 -22.37
C ARG A 8 7.26 -12.42 -22.16
N MET A 9 7.80 -13.18 -21.21
CA MET A 9 7.45 -14.56 -21.00
C MET A 9 6.82 -14.69 -19.65
N ASP A 10 5.64 -15.27 -19.61
CA ASP A 10 5.03 -15.67 -18.38
C ASP A 10 6.07 -16.46 -17.55
N CYS A 11 5.96 -16.32 -16.23
CA CYS A 11 6.89 -16.93 -15.29
C CYS A 11 6.03 -17.81 -14.41
N PRO A 12 5.97 -19.09 -14.72
CA PRO A 12 5.04 -19.96 -14.02
C PRO A 12 5.25 -20.06 -12.51
N ALA A 13 6.48 -19.87 -12.08
CA ALA A 13 6.84 -19.95 -10.65
C ALA A 13 6.26 -18.79 -9.85
N LEU A 14 5.77 -17.75 -10.53
CA LEU A 14 5.21 -16.58 -9.88
C LEU A 14 3.74 -16.54 -10.16
N PRO A 15 2.97 -15.74 -9.39
CA PRO A 15 1.52 -15.57 -9.58
C PRO A 15 1.06 -15.18 -10.99
N PRO A 16 -0.26 -15.23 -11.24
CA PRO A 16 -0.71 -15.04 -12.62
C PRO A 16 -0.38 -13.67 -13.13
N GLY A 17 0.00 -13.61 -14.42
CA GLY A 17 0.25 -12.36 -15.15
C GLY A 17 1.63 -11.71 -15.02
N TRP A 18 2.49 -12.29 -14.18
CA TRP A 18 3.86 -11.84 -14.00
C TRP A 18 4.69 -12.36 -15.17
N LYS A 19 5.45 -11.50 -15.80
CA LYS A 19 6.26 -11.94 -16.92
C LYS A 19 7.72 -11.62 -16.65
N LYS A 20 8.63 -12.37 -17.28
CA LYS A 20 10.10 -12.29 -17.11
C LYS A 20 10.62 -11.95 -18.49
N GLU A 21 11.63 -11.08 -18.57
CA GLU A 21 12.30 -10.72 -19.83
C GLU A 21 13.81 -10.78 -19.63
N GLU A 22 14.54 -11.22 -20.65
CA GLU A 22 16.01 -11.28 -20.58
C GLU A 22 16.45 -10.40 -21.71
N VAL A 23 17.24 -9.38 -21.40
CA VAL A 23 17.74 -8.40 -22.33
C VAL A 23 19.28 -8.56 -22.40
N ILE A 24 19.78 -8.87 -23.59
CA ILE A 24 21.23 -8.94 -23.79
C ILE A 24 21.76 -7.52 -23.98
N ARG A 25 22.80 -7.13 -23.26
CA ARG A 25 23.44 -5.82 -23.47
C ARG A 25 24.15 -5.73 -24.80
N LYS A 26 23.86 -4.68 -25.56
CA LYS A 26 24.31 -4.51 -26.95
C LYS A 26 25.67 -3.87 -27.05
N SER A 27 26.07 -3.04 -26.08
CA SER A 27 27.27 -2.21 -26.24
C SER A 27 28.02 -1.91 -24.94
N GLY A 28 29.18 -1.29 -25.11
CA GLY A 28 30.08 -0.93 -24.02
C GLY A 28 30.80 -2.12 -23.41
N LEU A 29 31.32 -1.91 -22.21
CA LEU A 29 32.24 -2.86 -21.58
C LEU A 29 31.55 -4.11 -21.14
N SER A 30 30.25 -3.99 -20.83
CA SER A 30 29.44 -5.10 -20.36
C SER A 30 28.70 -5.88 -21.47
N ALA A 31 29.01 -5.65 -22.76
CA ALA A 31 28.26 -6.21 -23.91
C ALA A 31 28.27 -7.75 -23.98
N GLY A 32 27.08 -8.33 -24.22
CA GLY A 32 26.88 -9.79 -24.27
C GLY A 32 26.38 -10.41 -22.99
N LYS A 33 26.60 -9.72 -21.89
CA LYS A 33 26.01 -10.06 -20.58
C LYS A 33 24.50 -9.73 -20.67
N SER A 34 23.68 -10.35 -19.82
CA SER A 34 22.23 -10.13 -19.81
C SER A 34 21.66 -9.57 -18.50
N ASP A 35 20.61 -8.80 -18.60
CA ASP A 35 19.88 -8.36 -17.47
C ASP A 35 18.52 -9.06 -17.56
N VAL A 36 18.03 -9.49 -16.40
CA VAL A 36 16.67 -10.10 -16.28
C VAL A 36 15.74 -9.12 -15.62
N TYR A 37 14.63 -8.84 -16.25
CA TYR A 37 13.62 -7.98 -15.65
C TYR A 37 12.36 -8.81 -15.45
N TYR A 38 11.58 -8.47 -14.42
CA TYR A 38 10.23 -9.03 -14.25
C TYR A 38 9.22 -7.89 -14.35
N PHE A 39 8.04 -8.21 -14.86
CA PHE A 39 6.94 -7.25 -14.96
C PHE A 39 5.71 -7.77 -14.22
N SER A 40 5.05 -6.90 -13.46
CA SER A 40 3.82 -7.26 -12.72
C SER A 40 2.64 -7.35 -13.66
N PRO A 41 1.51 -7.87 -13.15
CA PRO A 41 0.39 -7.88 -14.06
C PRO A 41 0.02 -6.44 -14.43
N SER A 42 0.14 -5.52 -13.47
CA SER A 42 -0.02 -4.06 -13.77
C SER A 42 0.86 -3.62 -14.99
N GLY A 43 2.12 -4.05 -15.02
CA GLY A 43 3.14 -3.58 -16.03
C GLY A 43 4.45 -2.97 -15.45
N LYS A 44 4.53 -2.86 -14.13
CA LYS A 44 5.66 -2.36 -13.36
C LYS A 44 6.88 -3.27 -13.48
N LYS A 45 8.05 -2.64 -13.55
CA LYS A 45 9.27 -3.33 -13.91
C LYS A 45 10.06 -3.54 -12.63
N PHE A 46 10.56 -4.75 -12.40
CA PHE A 46 11.41 -5.07 -11.27
C PHE A 46 12.74 -5.58 -11.82
N ARG A 47 13.85 -5.19 -11.17
CA ARG A 47 15.19 -5.46 -11.65
C ARG A 47 16.03 -6.26 -10.71
N SER A 48 15.50 -6.64 -9.56
CA SER A 48 16.24 -7.54 -8.65
C SER A 48 15.26 -8.31 -7.71
N LYS A 49 15.80 -9.35 -7.11
CA LYS A 49 15.06 -10.16 -6.16
C LYS A 49 14.56 -9.38 -4.96
N PRO A 50 15.45 -8.56 -4.33
CA PRO A 50 14.92 -7.87 -3.15
C PRO A 50 13.89 -6.80 -3.49
N GLN A 51 13.93 -6.28 -4.72
CA GLN A 51 12.91 -5.32 -5.15
C GLN A 51 11.58 -6.08 -5.27
N LEU A 52 11.69 -7.27 -5.84
CA LEU A 52 10.56 -8.11 -6.05
C LEU A 52 9.95 -8.52 -4.73
N ALA A 53 10.77 -8.84 -3.73
CA ALA A 53 10.28 -9.25 -2.40
C ALA A 53 9.61 -8.12 -1.59
N ARG A 54 10.17 -6.92 -1.73
CA ARG A 54 9.62 -5.72 -1.10
C ARG A 54 8.22 -5.48 -1.60
N TYR A 55 8.01 -5.60 -2.91
CA TYR A 55 6.65 -5.41 -3.49
C TYR A 55 5.68 -6.57 -3.10
N LEU A 56 6.12 -7.81 -3.24
CA LEU A 56 5.19 -8.97 -3.04
C LEU A 56 4.91 -9.29 -1.57
N GLY A 57 5.93 -9.09 -0.74
CA GLY A 57 5.86 -9.34 0.68
C GLY A 57 5.52 -10.79 0.94
N ASN A 58 4.56 -11.01 1.84
CA ASN A 58 4.30 -12.34 2.30
C ASN A 58 3.26 -13.06 1.45
N THR A 59 2.96 -12.54 0.26
CA THR A 59 2.07 -13.23 -0.64
C THR A 59 2.77 -14.34 -1.42
N VAL A 60 4.10 -14.34 -1.45
CA VAL A 60 4.84 -15.32 -2.25
C VAL A 60 6.13 -15.56 -1.52
N ASP A 61 6.49 -16.83 -1.34
CA ASP A 61 7.76 -17.19 -0.72
C ASP A 61 8.89 -17.19 -1.76
N LEU A 62 9.77 -16.22 -1.68
CA LEU A 62 10.84 -16.12 -2.65
C LEU A 62 12.18 -16.65 -2.14
N SER A 63 12.20 -17.32 -0.98
CA SER A 63 13.48 -17.73 -0.38
C SER A 63 14.34 -18.57 -1.33
N SER A 64 13.68 -19.41 -2.14
CA SER A 64 14.37 -20.37 -3.02
C SER A 64 14.30 -20.02 -4.50
N PHE A 65 13.81 -18.81 -4.78
CA PHE A 65 13.53 -18.30 -6.15
C PHE A 65 14.82 -17.78 -6.77
N ASP A 66 15.21 -18.36 -7.89
CA ASP A 66 16.43 -17.95 -8.59
C ASP A 66 16.04 -16.85 -9.57
N PHE A 67 16.34 -15.61 -9.18
CA PHE A 67 15.99 -14.45 -10.03
C PHE A 67 16.38 -14.63 -11.50
N ARG A 68 17.57 -15.15 -11.80
CA ARG A 68 18.01 -15.21 -13.21
C ARG A 68 17.19 -16.12 -14.10
N THR A 69 16.89 -17.30 -13.61
CA THR A 69 16.19 -18.32 -14.38
C THR A 69 14.69 -18.29 -14.18
N GLY A 70 14.22 -17.65 -13.12
CA GLY A 70 12.82 -17.62 -12.84
C GLY A 70 12.30 -18.93 -12.30
N LYS A 71 13.17 -19.81 -11.82
CA LYS A 71 12.79 -21.11 -11.29
C LYS A 71 13.05 -21.13 -9.78
N MET A 72 12.13 -21.75 -9.03
CA MET A 72 12.35 -22.21 -7.64
C MET A 72 13.34 -23.39 -7.63
N MET A 73 14.13 -23.49 -6.57
CA MET A 73 15.26 -24.41 -6.50
C MET A 73 15.18 -25.38 -5.31
CA LYS B 7 24.11 30.60 -13.78
C LYS B 7 25.16 29.76 -14.51
N ARG B 8 25.95 30.41 -15.36
CA ARG B 8 26.95 29.79 -16.28
C ARG B 8 28.44 30.11 -15.90
N MET B 9 29.19 29.11 -15.41
CA MET B 9 30.60 29.29 -14.91
C MET B 9 31.76 28.87 -15.87
N ASP B 10 32.87 29.62 -15.86
CA ASP B 10 34.06 29.28 -16.65
C ASP B 10 34.65 27.92 -16.23
N CYS B 11 34.68 26.97 -17.17
CA CYS B 11 35.34 25.65 -16.98
C CYS B 11 36.81 25.62 -17.47
N PRO B 12 37.79 25.77 -16.54
CA PRO B 12 39.24 25.92 -16.73
C PRO B 12 40.01 24.75 -17.40
N ALA B 13 39.52 23.51 -17.24
CA ALA B 13 40.21 22.33 -17.77
C ALA B 13 39.89 22.02 -19.28
N LEU B 14 38.92 22.77 -19.82
CA LEU B 14 38.62 22.84 -21.25
C LEU B 14 39.29 24.12 -21.75
N PRO B 15 39.35 24.31 -23.11
CA PRO B 15 39.94 25.50 -23.75
C PRO B 15 39.28 26.83 -23.36
N PRO B 16 39.93 27.97 -23.70
CA PRO B 16 39.47 29.35 -23.49
C PRO B 16 38.03 29.61 -23.97
N GLY B 17 37.18 29.97 -22.99
CA GLY B 17 35.76 30.38 -23.23
C GLY B 17 34.65 29.35 -23.14
N TRP B 18 35.01 28.07 -22.90
CA TRP B 18 34.04 27.01 -22.55
C TRP B 18 33.43 27.32 -21.17
N LYS B 19 32.13 27.02 -21.02
CA LYS B 19 31.47 27.17 -19.73
C LYS B 19 30.66 25.90 -19.39
N LYS B 20 30.61 25.56 -18.10
CA LYS B 20 29.78 24.50 -17.51
C LYS B 20 28.53 25.12 -16.88
N GLU B 21 27.44 24.37 -16.85
CA GLU B 21 26.23 24.77 -16.14
C GLU B 21 25.57 23.54 -15.49
N GLU B 22 25.02 23.71 -14.28
CA GLU B 22 24.33 22.67 -13.60
C GLU B 22 22.95 23.17 -13.33
N VAL B 23 21.95 22.32 -13.59
CA VAL B 23 20.54 22.65 -13.37
C VAL B 23 19.86 21.56 -12.55
N ILE B 24 19.50 21.89 -11.32
CA ILE B 24 18.84 20.99 -10.36
C ILE B 24 17.50 20.58 -10.91
N ARG B 25 17.17 19.28 -10.81
CA ARG B 25 15.85 18.74 -11.18
C ARG B 25 14.84 19.01 -10.06
N LYS B 26 13.69 19.59 -10.43
CA LYS B 26 12.80 20.24 -9.45
C LYS B 26 11.79 19.30 -8.85
N SER B 27 11.49 18.21 -9.55
CA SER B 27 10.37 17.37 -9.22
C SER B 27 10.58 15.95 -9.74
N GLY B 28 9.73 15.05 -9.27
CA GLY B 28 9.59 13.71 -9.82
C GLY B 28 10.49 12.78 -9.08
N LEU B 29 10.60 11.54 -9.56
CA LEU B 29 11.46 10.54 -8.96
C LEU B 29 12.94 10.98 -8.83
N SER B 30 13.48 11.73 -9.81
CA SER B 30 14.89 12.24 -9.73
C SER B 30 15.01 13.64 -9.16
N ALA B 31 14.00 14.09 -8.42
CA ALA B 31 14.04 15.43 -7.80
C ALA B 31 15.34 15.62 -7.05
N GLY B 32 15.93 16.79 -7.09
CA GLY B 32 17.20 16.96 -6.35
C GLY B 32 18.50 16.53 -7.05
N LYS B 33 18.46 15.62 -8.04
CA LYS B 33 19.65 15.35 -8.92
C LYS B 33 19.77 16.55 -9.90
N SER B 34 20.88 16.63 -10.64
CA SER B 34 21.18 17.73 -11.57
C SER B 34 21.58 17.23 -12.97
N ASP B 35 21.22 17.96 -14.01
CA ASP B 35 21.79 17.80 -15.32
C ASP B 35 22.93 18.82 -15.53
N VAL B 36 24.01 18.38 -16.15
CA VAL B 36 25.14 19.23 -16.42
C VAL B 36 25.13 19.52 -17.93
N TYR B 37 25.25 20.79 -18.28
CA TYR B 37 25.33 21.21 -19.68
C TYR B 37 26.65 21.93 -19.95
N TYR B 38 27.17 21.80 -21.16
CA TYR B 38 28.27 22.66 -21.57
C TYR B 38 27.94 23.59 -22.74
N PHE B 39 28.66 24.71 -22.75
CA PHE B 39 28.56 25.66 -23.81
C PHE B 39 29.97 26.00 -24.31
N SER B 40 30.17 25.84 -25.61
CA SER B 40 31.39 26.32 -26.29
C SER B 40 31.41 27.86 -26.35
N PRO B 41 32.49 28.45 -26.91
CA PRO B 41 32.46 29.91 -27.14
C PRO B 41 31.28 30.42 -28.01
N SER B 42 30.85 29.64 -29.01
CA SER B 42 29.66 29.96 -29.83
C SER B 42 28.35 30.04 -29.00
N GLY B 43 28.22 29.14 -28.01
CA GLY B 43 26.99 28.99 -27.23
C GLY B 43 26.13 27.81 -27.68
N LYS B 44 26.73 26.89 -28.45
CA LYS B 44 26.13 25.57 -28.74
C LYS B 44 26.13 24.73 -27.45
N LYS B 45 24.96 24.20 -27.09
CA LYS B 45 24.74 23.48 -25.83
C LYS B 45 25.09 22.02 -26.02
N PHE B 46 25.78 21.43 -25.04
CA PHE B 46 26.16 20.00 -25.08
C PHE B 46 25.64 19.28 -23.83
N ARG B 47 25.01 18.13 -24.02
CA ARG B 47 24.35 17.42 -22.90
C ARG B 47 25.00 16.11 -22.50
N SER B 48 26.06 15.73 -23.19
CA SER B 48 26.75 14.51 -22.88
C SER B 48 28.16 14.52 -23.41
N LYS B 49 28.96 13.62 -22.86
CA LYS B 49 30.36 13.54 -23.25
C LYS B 49 30.55 13.02 -24.70
N PRO B 50 29.75 12.02 -25.16
CA PRO B 50 29.87 11.69 -26.61
C PRO B 50 29.54 12.81 -27.59
N GLN B 51 28.55 13.65 -27.29
CA GLN B 51 28.18 14.79 -28.18
C GLN B 51 29.29 15.86 -28.24
N LEU B 52 29.81 16.13 -27.05
CA LEU B 52 30.92 17.04 -26.87
C LEU B 52 32.16 16.53 -27.62
N ALA B 53 32.45 15.23 -27.47
CA ALA B 53 33.60 14.60 -28.09
C ALA B 53 33.44 14.60 -29.59
N ARG B 54 32.22 14.37 -30.06
CA ARG B 54 31.94 14.39 -31.49
C ARG B 54 32.20 15.76 -32.10
N TYR B 55 31.69 16.81 -31.45
CA TYR B 55 31.93 18.21 -31.85
C TYR B 55 33.43 18.60 -31.88
N LEU B 56 34.17 18.21 -30.82
CA LEU B 56 35.60 18.51 -30.67
C LEU B 56 36.57 17.57 -31.46
N GLY B 57 36.19 16.31 -31.65
CA GLY B 57 36.95 15.38 -32.51
C GLY B 57 38.27 14.90 -31.95
N ASN B 58 39.30 14.97 -32.80
CA ASN B 58 40.68 14.79 -32.39
C ASN B 58 41.22 16.05 -31.67
N THR B 59 40.59 17.23 -31.84
CA THR B 59 41.21 18.53 -31.45
C THR B 59 41.44 18.71 -29.94
N VAL B 60 40.59 18.09 -29.12
CA VAL B 60 40.70 18.17 -27.67
C VAL B 60 40.66 16.74 -27.11
N ASP B 61 41.59 16.41 -26.20
CA ASP B 61 41.64 15.04 -25.61
C ASP B 61 40.74 14.96 -24.40
N LEU B 62 39.64 14.21 -24.55
CA LEU B 62 38.68 14.05 -23.47
C LEU B 62 38.79 12.67 -22.80
N SER B 63 39.85 11.90 -23.11
CA SER B 63 40.09 10.61 -22.45
C SER B 63 39.69 10.71 -20.98
N SER B 64 40.38 11.61 -20.27
CA SER B 64 40.29 11.75 -18.80
C SER B 64 39.19 12.70 -18.30
N PHE B 65 38.37 13.25 -19.21
CA PHE B 65 37.44 14.33 -18.87
C PHE B 65 36.22 13.75 -18.18
N ASP B 66 35.96 14.15 -16.94
CA ASP B 66 34.77 13.69 -16.23
C ASP B 66 33.64 14.70 -16.51
N PHE B 67 32.59 14.25 -17.19
CA PHE B 67 31.57 15.20 -17.66
C PHE B 67 30.80 15.95 -16.55
N ARG B 68 30.45 15.23 -15.50
CA ARG B 68 29.71 15.80 -14.35
C ARG B 68 30.48 16.92 -13.62
N THR B 69 31.73 16.65 -13.21
CA THR B 69 32.49 17.62 -12.37
C THR B 69 33.16 18.70 -13.19
N GLY B 70 33.47 18.41 -14.45
CA GLY B 70 34.16 19.38 -15.35
C GLY B 70 35.66 19.52 -15.19
N LYS B 71 36.30 18.39 -14.93
CA LYS B 71 37.68 18.33 -14.49
C LYS B 71 38.26 17.02 -15.02
N MET B 72 39.57 17.02 -15.27
CA MET B 72 40.31 15.85 -15.74
C MET B 72 40.75 15.07 -14.50
N MET B 73 40.66 13.75 -14.52
CA MET B 73 40.87 12.90 -13.33
C MET B 73 41.90 11.81 -13.68
N PRO B 74 42.81 11.45 -12.75
CA PRO B 74 43.85 10.45 -13.10
C PRO B 74 43.34 9.02 -13.35
CA GLY E 6 -6.91 -13.97 11.39
C GLY E 6 -5.59 -13.65 10.69
N LYS E 7 -5.32 -14.34 9.56
CA LYS E 7 -4.05 -14.18 8.81
C LYS E 7 -4.15 -12.89 7.99
N ARG E 8 -3.22 -11.97 8.23
CA ARG E 8 -3.16 -10.68 7.54
C ARG E 8 -2.09 -10.82 6.50
N MET E 9 -2.44 -10.50 5.27
CA MET E 9 -1.62 -10.73 4.12
C MET E 9 -1.19 -9.38 3.61
N ASP E 10 0.07 -9.23 3.24
CA ASP E 10 0.53 -8.00 2.58
C ASP E 10 -0.35 -7.75 1.34
N CYS E 11 -0.55 -6.50 0.95
CA CYS E 11 -1.41 -6.23 -0.21
C CYS E 11 -0.55 -5.51 -1.18
N PRO E 12 -0.11 -6.21 -2.24
CA PRO E 12 0.89 -5.63 -3.14
C PRO E 12 0.43 -4.38 -3.86
N ALA E 13 -0.87 -4.28 -4.16
CA ALA E 13 -1.39 -3.13 -4.91
C ALA E 13 -1.58 -1.89 -4.06
N LEU E 14 -1.22 -1.91 -2.78
CA LEU E 14 -1.30 -0.74 -1.89
C LEU E 14 0.10 -0.53 -1.40
N PRO E 15 0.39 0.66 -0.82
CA PRO E 15 1.74 1.01 -0.36
C PRO E 15 2.32 0.13 0.75
N PRO E 16 3.60 0.36 1.12
CA PRO E 16 4.26 -0.65 1.98
C PRO E 16 3.72 -0.74 3.40
N GLY E 17 3.46 -1.97 3.85
CA GLY E 17 2.99 -2.25 5.19
C GLY E 17 1.48 -2.38 5.33
N TRP E 18 0.74 -2.06 4.26
CA TRP E 18 -0.69 -2.30 4.19
C TRP E 18 -1.05 -3.79 4.10
N LYS E 19 -1.97 -4.26 4.93
CA LYS E 19 -2.35 -5.67 4.90
C LYS E 19 -3.87 -5.84 4.79
N LYS E 20 -4.26 -6.97 4.23
CA LYS E 20 -5.65 -7.34 3.92
C LYS E 20 -5.90 -8.60 4.72
N GLU E 21 -7.09 -8.70 5.32
CA GLU E 21 -7.58 -9.91 5.98
C GLU E 21 -9.01 -10.22 5.52
N GLU E 22 -9.31 -11.51 5.40
CA GLU E 22 -10.62 -11.96 5.00
C GLU E 22 -11.09 -12.83 6.14
N VAL E 23 -12.15 -12.37 6.82
CA VAL E 23 -12.74 -13.12 7.90
C VAL E 23 -14.08 -13.69 7.43
N ILE E 24 -14.27 -14.98 7.65
CA ILE E 24 -15.52 -15.65 7.32
C ILE E 24 -16.45 -15.49 8.51
N ARG E 25 -17.67 -15.03 8.27
CA ARG E 25 -18.70 -14.96 9.36
C ARG E 25 -19.10 -16.35 9.91
N LYS E 26 -19.00 -16.56 11.23
CA LYS E 26 -19.13 -17.89 11.87
C LYS E 26 -20.58 -18.28 12.07
N SER E 27 -21.47 -17.30 12.26
CA SER E 27 -22.87 -17.58 12.77
C SER E 27 -23.92 -16.54 12.37
N GLY E 28 -25.15 -16.75 12.82
CA GLY E 28 -26.25 -15.85 12.48
C GLY E 28 -26.69 -16.04 11.03
N LEU E 29 -27.62 -15.19 10.63
CA LEU E 29 -28.26 -15.26 9.31
C LEU E 29 -27.23 -15.08 8.22
N SER E 30 -26.15 -14.33 8.55
CA SER E 30 -25.06 -14.05 7.60
C SER E 30 -23.89 -15.08 7.52
N ALA E 31 -23.98 -16.19 8.24
CA ALA E 31 -22.88 -17.15 8.37
C ALA E 31 -22.45 -17.73 7.02
N GLY E 32 -21.13 -17.86 6.85
CA GLY E 32 -20.53 -18.35 5.61
C GLY E 32 -20.12 -17.24 4.70
N LYS E 33 -20.63 -16.03 4.90
CA LYS E 33 -20.27 -14.86 4.09
C LYS E 33 -18.90 -14.34 4.57
N SER E 34 -18.20 -13.53 3.79
CA SER E 34 -16.92 -12.95 4.30
C SER E 34 -16.84 -11.47 4.32
N ASP E 35 -16.04 -10.94 5.24
CA ASP E 35 -15.77 -9.56 5.30
C ASP E 35 -14.25 -9.40 5.07
N VAL E 36 -13.90 -8.34 4.37
CA VAL E 36 -12.52 -8.00 4.05
C VAL E 36 -12.14 -6.75 4.80
N TYR E 37 -11.05 -6.82 5.55
CA TYR E 37 -10.55 -5.67 6.27
C TYR E 37 -9.17 -5.33 5.77
N TYR E 38 -8.82 -4.05 5.76
CA TYR E 38 -7.43 -3.63 5.53
C TYR E 38 -6.83 -2.97 6.76
N PHE E 39 -5.51 -3.13 6.89
CA PHE E 39 -4.78 -2.57 8.03
C PHE E 39 -3.66 -1.66 7.55
N SER E 40 -3.57 -0.44 8.12
CA SER E 40 -2.51 0.50 7.78
C SER E 40 -1.18 -0.04 8.32
N PRO E 41 -0.08 0.58 7.91
CA PRO E 41 1.17 0.19 8.56
C PRO E 41 1.16 0.51 10.06
N SER E 42 0.60 1.67 10.48
CA SER E 42 0.24 1.91 11.93
C SER E 42 -0.45 0.67 12.59
N GLY E 43 -1.41 0.06 11.89
CA GLY E 43 -2.30 -1.01 12.47
C GLY E 43 -3.81 -0.67 12.49
N LYS E 44 -4.18 0.54 12.03
CA LYS E 44 -5.56 0.99 11.91
C LYS E 44 -6.40 0.16 10.94
N LYS E 45 -7.63 -0.12 11.34
CA LYS E 45 -8.50 -1.02 10.58
C LYS E 45 -9.41 -0.27 9.63
N PHE E 46 -9.53 -0.71 8.37
CA PHE E 46 -10.46 -0.11 7.43
C PHE E 46 -11.39 -1.19 6.91
N ARG E 47 -12.66 -0.83 6.76
CA ARG E 47 -13.71 -1.83 6.47
C ARG E 47 -14.43 -1.58 5.17
N SER E 48 -14.04 -0.52 4.47
CA SER E 48 -14.59 -0.25 3.15
C SER E 48 -13.64 0.63 2.32
N LYS E 49 -13.94 0.72 1.03
CA LYS E 49 -13.11 1.42 0.07
C LYS E 49 -13.17 2.92 0.25
N PRO E 50 -14.37 3.48 0.50
CA PRO E 50 -14.37 4.92 0.75
C PRO E 50 -13.73 5.30 2.08
N GLN E 51 -13.71 4.40 3.05
CA GLN E 51 -13.02 4.71 4.33
C GLN E 51 -11.53 4.81 4.02
N LEU E 52 -11.08 3.87 3.21
CA LEU E 52 -9.73 3.83 2.70
C LEU E 52 -9.32 5.03 1.85
N ALA E 53 -10.15 5.44 0.89
CA ALA E 53 -9.83 6.62 0.03
C ALA E 53 -9.83 7.92 0.81
N ARG E 54 -10.72 8.04 1.80
CA ARG E 54 -10.68 9.18 2.74
C ARG E 54 -9.30 9.26 3.45
N TYR E 55 -8.81 8.14 3.99
CA TYR E 55 -7.51 8.15 4.72
C TYR E 55 -6.32 8.39 3.78
N LEU E 56 -6.21 7.67 2.68
CA LEU E 56 -5.05 7.81 1.77
C LEU E 56 -5.04 9.10 0.95
N GLY E 57 -6.25 9.60 0.67
CA GLY E 57 -6.47 10.76 -0.17
C GLY E 57 -5.76 10.62 -1.52
N ASN E 58 -4.98 11.60 -1.90
CA ASN E 58 -4.36 11.55 -3.19
C ASN E 58 -2.97 10.87 -3.20
N THR E 59 -2.58 10.17 -2.12
CA THR E 59 -1.34 9.43 -2.13
C THR E 59 -1.44 8.19 -3.05
N VAL E 60 -2.66 7.79 -3.38
CA VAL E 60 -2.90 6.57 -4.09
C VAL E 60 -4.24 6.66 -4.84
N ASP E 61 -4.20 6.37 -6.16
CA ASP E 61 -5.42 6.26 -6.98
C ASP E 61 -6.11 4.93 -6.73
N LEU E 62 -7.34 4.98 -6.27
CA LEU E 62 -8.09 3.80 -5.95
C LEU E 62 -9.24 3.57 -6.88
N SER E 63 -9.45 4.42 -7.88
CA SER E 63 -10.64 4.27 -8.72
C SER E 63 -10.85 2.85 -9.31
N SER E 64 -9.77 2.15 -9.67
CA SER E 64 -9.87 0.79 -10.24
C SER E 64 -9.54 -0.35 -9.24
N PHE E 65 -9.34 -0.01 -7.96
CA PHE E 65 -9.02 -0.95 -6.87
C PHE E 65 -10.28 -1.67 -6.41
N ASP E 66 -10.24 -2.99 -6.37
CA ASP E 66 -11.39 -3.82 -6.01
C ASP E 66 -11.11 -4.17 -4.56
N PHE E 67 -11.86 -3.52 -3.66
CA PHE E 67 -11.72 -3.69 -2.24
C PHE E 67 -11.71 -5.16 -1.86
N ARG E 68 -12.60 -5.92 -2.48
CA ARG E 68 -12.84 -7.27 -2.03
C ARG E 68 -11.66 -8.19 -2.32
N THR E 69 -11.01 -8.02 -3.48
CA THR E 69 -9.95 -8.91 -3.91
C THR E 69 -8.59 -8.31 -3.74
N GLY E 70 -8.47 -7.07 -3.32
CA GLY E 70 -7.16 -6.46 -3.22
C GLY E 70 -6.43 -6.06 -4.50
N LYS E 71 -7.07 -6.23 -5.66
CA LYS E 71 -6.43 -6.04 -6.96
C LYS E 71 -6.92 -4.78 -7.71
N MET E 72 -6.03 -4.15 -8.49
CA MET E 72 -6.42 -3.16 -9.52
C MET E 72 -6.98 -3.91 -10.73
N MET E 73 -7.94 -3.29 -11.45
CA MET E 73 -8.66 -3.94 -12.59
C MET E 73 -8.64 -3.15 -13.90
N PRO E 74 -8.19 -3.77 -15.02
CA PRO E 74 -8.16 -3.31 -16.41
N GLY F 6 -27.52 6.14 38.14
CA GLY F 6 -28.79 6.24 37.33
C GLY F 6 -30.03 5.69 38.06
N LYS F 7 -31.22 6.16 37.66
CA LYS F 7 -32.55 5.66 38.15
C LYS F 7 -33.10 4.50 37.30
N ARG F 8 -33.88 3.64 37.94
CA ARG F 8 -34.30 2.36 37.33
C ARG F 8 -35.83 2.31 37.23
N MET F 9 -36.33 2.25 36.00
CA MET F 9 -37.75 2.36 35.70
C MET F 9 -38.40 0.96 35.75
N ASP F 10 -39.55 0.87 36.43
CA ASP F 10 -40.32 -0.38 36.50
C ASP F 10 -40.59 -0.87 35.08
N CYS F 11 -40.58 -2.19 34.89
CA CYS F 11 -40.80 -2.78 33.57
C CYS F 11 -41.97 -3.78 33.57
N PRO F 12 -43.22 -3.27 33.55
CA PRO F 12 -44.44 -4.11 33.66
C PRO F 12 -44.56 -5.39 32.76
N ALA F 13 -43.85 -5.47 31.62
CA ALA F 13 -43.85 -6.70 30.78
C ALA F 13 -43.17 -7.90 31.44
N LEU F 14 -42.20 -7.61 32.30
CA LEU F 14 -41.46 -8.63 33.03
C LEU F 14 -42.16 -8.91 34.38
N PRO F 15 -41.71 -9.94 35.14
CA PRO F 15 -42.29 -10.13 36.50
C PRO F 15 -42.07 -8.91 37.42
N PRO F 16 -42.80 -8.84 38.54
CA PRO F 16 -42.53 -7.76 39.49
C PRO F 16 -41.14 -7.91 40.09
N GLY F 17 -40.59 -6.77 40.48
CA GLY F 17 -39.19 -6.64 40.87
C GLY F 17 -38.27 -6.18 39.74
N TRP F 18 -38.58 -6.52 38.48
CA TRP F 18 -37.67 -6.33 37.31
C TRP F 18 -37.61 -4.89 36.79
N LYS F 19 -36.40 -4.29 36.82
CA LYS F 19 -36.25 -2.90 36.41
C LYS F 19 -35.42 -2.81 35.12
N LYS F 20 -35.61 -1.69 34.41
CA LYS F 20 -34.84 -1.30 33.22
C LYS F 20 -34.12 -0.05 33.57
N GLU F 21 -32.83 0.02 33.20
CA GLU F 21 -31.99 1.24 33.33
C GLU F 21 -31.35 1.56 31.95
N GLU F 22 -31.22 2.85 31.62
CA GLU F 22 -30.58 3.29 30.39
C GLU F 22 -29.47 4.26 30.77
N VAL F 23 -28.24 3.94 30.38
CA VAL F 23 -27.08 4.68 30.81
C VAL F 23 -26.29 5.18 29.63
N ILE F 24 -26.22 6.51 29.56
CA ILE F 24 -25.61 7.27 28.49
C ILE F 24 -24.12 7.15 28.59
N ARG F 25 -23.49 6.76 27.46
CA ARG F 25 -22.05 6.78 27.32
C ARG F 25 -21.55 8.24 27.31
N LYS F 26 -20.61 8.56 28.18
CA LYS F 26 -20.20 9.93 28.52
C LYS F 26 -19.17 10.51 27.60
N SER F 27 -18.41 9.65 26.92
CA SER F 27 -17.18 10.04 26.25
C SER F 27 -16.77 9.01 25.20
N GLY F 28 -15.75 9.29 24.42
CA GLY F 28 -15.19 8.34 23.50
C GLY F 28 -15.94 8.40 22.19
N LEU F 29 -15.54 7.55 21.24
CA LEU F 29 -16.22 7.45 19.95
C LEU F 29 -17.77 7.22 20.02
N SER F 30 -18.25 6.44 21.01
CA SER F 30 -19.71 6.17 21.15
C SER F 30 -20.39 7.11 22.16
N ALA F 31 -19.73 8.23 22.53
CA ALA F 31 -20.33 9.25 23.36
C ALA F 31 -21.76 9.53 22.93
N GLY F 32 -22.69 9.63 23.85
CA GLY F 32 -24.05 9.95 23.41
C GLY F 32 -24.91 8.72 23.11
N LYS F 33 -24.34 7.58 22.71
CA LYS F 33 -25.14 6.32 22.66
C LYS F 33 -25.42 5.84 24.09
N SER F 34 -26.27 4.83 24.23
CA SER F 34 -26.68 4.29 25.53
C SER F 34 -26.55 2.79 25.56
N ASP F 35 -26.29 2.29 26.75
CA ASP F 35 -26.50 0.91 27.10
C ASP F 35 -27.80 0.74 27.94
N VAL F 36 -28.43 -0.41 27.75
CA VAL F 36 -29.67 -0.75 28.40
C VAL F 36 -29.42 -2.01 29.21
N TYR F 37 -29.72 -1.90 30.50
CA TYR F 37 -29.52 -3.01 31.42
C TYR F 37 -30.89 -3.36 31.99
N TYR F 38 -31.04 -4.63 32.41
CA TYR F 38 -32.15 -5.07 33.29
C TYR F 38 -31.59 -5.70 34.58
N PHE F 39 -32.25 -5.39 35.70
CA PHE F 39 -31.92 -5.93 37.02
C PHE F 39 -33.09 -6.80 37.48
N SER F 40 -32.79 -8.00 37.96
CA SER F 40 -33.84 -8.90 38.52
C SER F 40 -34.30 -8.39 39.92
N PRO F 41 -35.37 -8.99 40.48
CA PRO F 41 -35.78 -8.60 41.87
C PRO F 41 -34.65 -8.82 42.86
N SER F 42 -33.93 -9.94 42.67
CA SER F 42 -32.61 -10.23 43.28
C SER F 42 -31.53 -9.11 43.10
N GLY F 43 -31.61 -8.34 42.01
CA GLY F 43 -30.62 -7.28 41.70
C GLY F 43 -29.52 -7.71 40.73
N LYS F 44 -29.64 -8.93 40.17
CA LYS F 44 -28.69 -9.48 39.18
C LYS F 44 -28.87 -8.73 37.82
N LYS F 45 -27.77 -8.18 37.32
CA LYS F 45 -27.79 -7.30 36.14
C LYS F 45 -27.79 -8.14 34.85
N PHE F 46 -28.55 -7.71 33.84
CA PHE F 46 -28.60 -8.38 32.53
C PHE F 46 -28.39 -7.39 31.38
N ARG F 47 -27.54 -7.78 30.44
CA ARG F 47 -27.03 -6.83 29.45
C ARG F 47 -27.33 -7.22 28.00
N SER F 48 -28.09 -8.29 27.79
CA SER F 48 -28.53 -8.63 26.44
C SER F 48 -29.78 -9.48 26.50
N LYS F 49 -30.55 -9.44 25.41
CA LYS F 49 -31.72 -10.32 25.23
C LYS F 49 -31.50 -11.86 25.43
N PRO F 50 -30.44 -12.48 24.85
CA PRO F 50 -30.15 -13.89 25.23
C PRO F 50 -29.94 -14.14 26.72
N GLN F 51 -28.99 -13.43 27.36
CA GLN F 51 -28.70 -13.52 28.82
C GLN F 51 -30.01 -13.44 29.63
N LEU F 52 -30.86 -12.50 29.22
CA LEU F 52 -32.15 -12.32 29.82
C LEU F 52 -33.12 -13.48 29.48
N ALA F 53 -33.03 -14.00 28.25
CA ALA F 53 -33.94 -15.07 27.78
C ALA F 53 -33.57 -16.47 28.27
N ARG F 54 -32.28 -16.78 28.42
CA ARG F 54 -31.86 -18.02 29.10
C ARG F 54 -32.30 -17.98 30.58
N TYR F 55 -31.97 -16.90 31.30
CA TYR F 55 -32.31 -16.77 32.75
C TYR F 55 -33.77 -17.01 33.04
N LEU F 56 -34.65 -16.36 32.29
CA LEU F 56 -36.10 -16.46 32.53
C LEU F 56 -36.78 -17.74 31.94
N GLY F 57 -36.14 -18.35 30.93
CA GLY F 57 -36.58 -19.66 30.37
C GLY F 57 -38.03 -19.71 29.92
N ASN F 58 -38.65 -20.89 30.02
CA ASN F 58 -40.06 -21.08 29.65
C ASN F 58 -41.06 -20.09 30.32
N THR F 59 -40.77 -19.66 31.56
CA THR F 59 -41.72 -18.85 32.39
C THR F 59 -42.05 -17.39 31.93
N VAL F 60 -41.41 -16.88 30.87
CA VAL F 60 -41.82 -15.63 30.19
C VAL F 60 -41.27 -15.67 28.73
N ASP F 61 -42.15 -15.55 27.74
CA ASP F 61 -41.75 -15.59 26.32
C ASP F 61 -41.29 -14.21 25.85
N LEU F 62 -40.02 -14.12 25.43
CA LEU F 62 -39.41 -12.85 25.00
C LEU F 62 -39.14 -12.79 23.47
N SER F 63 -39.86 -13.62 22.69
CA SER F 63 -39.70 -13.65 21.21
C SER F 63 -39.93 -12.27 20.57
N SER F 64 -41.02 -11.62 20.96
CA SER F 64 -41.38 -10.26 20.49
C SER F 64 -40.92 -9.11 21.44
N PHE F 65 -40.19 -9.44 22.51
CA PHE F 65 -39.74 -8.45 23.50
C PHE F 65 -38.53 -7.62 23.02
N ASP F 66 -38.72 -6.31 22.80
CA ASP F 66 -37.62 -5.40 22.36
C ASP F 66 -36.75 -4.97 23.55
N PHE F 67 -35.53 -5.52 23.60
CA PHE F 67 -34.61 -5.34 24.74
C PHE F 67 -34.30 -3.88 25.04
N ARG F 68 -34.27 -3.05 24.00
CA ARG F 68 -33.82 -1.67 24.09
C ARG F 68 -34.90 -0.70 24.63
N THR F 69 -36.15 -0.89 24.26
CA THR F 69 -37.25 -0.06 24.74
C THR F 69 -37.90 -0.63 26.00
N GLY F 70 -37.85 -1.94 26.18
CA GLY F 70 -38.51 -2.60 27.32
C GLY F 70 -40.00 -2.91 27.14
N LYS F 71 -40.49 -2.74 25.92
CA LYS F 71 -41.89 -2.97 25.55
C LYS F 71 -41.98 -4.17 24.58
N MET F 72 -43.09 -4.91 24.63
CA MET F 72 -43.39 -6.01 23.68
C MET F 72 -43.86 -5.46 22.34
N MET F 73 -43.66 -6.22 21.27
CA MET F 73 -44.04 -5.80 19.89
C MET F 73 -45.30 -6.52 19.34
N PRO F 74 -46.24 -5.75 18.75
#